data_2IXQ
#
_entry.id   2IXQ
#
_cell.length_a   1.000
_cell.length_b   1.000
_cell.length_c   1.000
_cell.angle_alpha   90.00
_cell.angle_beta   90.00
_cell.angle_gamma   90.00
#
_symmetry.space_group_name_H-M   'P 1'
#
loop_
_entity.id
_entity.type
_entity.pdbx_description
1 polymer 'Protein AfaD'
2 polymer 'Afimbrial adhesin AFA-III'
#
loop_
_entity_poly.entity_id
_entity_poly.type
_entity_poly.pdbx_seq_one_letter_code
_entity_poly.pdbx_strand_id
1 'polypeptide(L)'
;SAELHLESRGGSGTQLRDGAKVATGRIICREAHTGFHVWMNERQVDGRAERYVVQSKDGRHELRVRTGGDGWSPVKGEGG
KGVSRPGQEEQVFFDVMADGNQDIAPGEYRFSVGGACVVPQEDNKQGFTPSGTTGTTKLTVT
;
A
2 'polypeptide(L)'
;EECQVRVGDLTVAKTRGQLTDAAPIGPVTVQALGCNARQVALKADTDNFEQGKFFLISDNNRDKLYVNIRPMDNSAWTTD
NGVFYKNDVGSWGGTIGIYVDGQQTNTPPGNYTLTLTGGYWAKDNKQGFTPSGTTGTTKLTVT
;
B
#
# COMPACT_ATOMS: atom_id res chain seq x y z
N SER A 1 15.96 -34.76 7.98
CA SER A 1 15.73 -34.20 9.27
C SER A 1 14.97 -32.92 9.16
N ALA A 2 13.94 -32.78 9.93
CA ALA A 2 13.09 -31.61 9.96
C ALA A 2 12.28 -31.48 8.69
N GLU A 3 12.92 -31.11 7.61
CA GLU A 3 12.28 -30.96 6.31
C GLU A 3 11.06 -30.07 6.36
N LEU A 4 11.25 -28.81 6.46
CA LEU A 4 10.16 -27.86 6.51
C LEU A 4 10.14 -27.01 5.26
N HIS A 5 9.01 -26.90 4.63
CA HIS A 5 8.87 -26.11 3.42
C HIS A 5 7.61 -25.27 3.50
N LEU A 6 7.73 -24.02 3.15
CA LEU A 6 6.60 -23.11 3.18
C LEU A 6 6.14 -22.76 1.78
N GLU A 7 4.99 -22.18 1.67
CA GLU A 7 4.42 -21.78 0.41
C GLU A 7 3.39 -20.69 0.64
N SER A 8 3.30 -19.76 -0.20
CA SER A 8 2.36 -18.68 -0.09
C SER A 8 1.28 -18.80 -1.14
N ARG A 9 0.10 -18.32 -0.84
CA ARG A 9 -1.01 -18.38 -1.76
C ARG A 9 -1.02 -17.20 -2.68
N GLY A 10 -0.04 -16.38 -2.58
CA GLY A 10 0.07 -15.23 -3.40
C GLY A 10 1.21 -14.36 -3.05
N GLY A 11 1.25 -13.81 -2.02
CA GLY A 11 2.30 -12.95 -1.59
C GLY A 11 1.96 -11.78 -1.02
N SER A 12 0.87 -11.22 -1.02
CA SER A 12 0.41 -10.08 -0.51
C SER A 12 -0.90 -9.68 -0.62
N GLY A 13 -1.25 -8.60 -0.77
CA GLY A 13 -2.47 -8.14 -0.89
C GLY A 13 -2.79 -6.90 -0.24
N THR A 14 -3.42 -6.16 -0.25
CA THR A 14 -3.79 -4.96 0.33
C THR A 14 -5.11 -5.04 0.97
N GLN A 15 -6.00 -5.65 0.71
CA GLN A 15 -7.29 -5.81 1.25
C GLN A 15 -7.47 -7.17 1.82
N LEU A 16 -6.99 -7.40 2.94
CA LEU A 16 -7.08 -8.66 3.59
C LEU A 16 -8.24 -8.72 4.53
N ARG A 17 -9.16 -9.56 4.29
CA ARG A 17 -10.31 -9.74 5.11
C ARG A 17 -10.05 -10.80 6.14
N ASP A 18 -10.97 -11.02 7.03
CA ASP A 18 -10.82 -12.01 8.04
C ASP A 18 -10.98 -13.35 7.45
N GLY A 19 -10.25 -14.28 7.83
CA GLY A 19 -10.31 -15.59 7.31
C GLY A 19 -9.56 -15.81 6.04
N ALA A 20 -8.76 -14.85 5.64
CA ALA A 20 -8.00 -14.94 4.43
C ALA A 20 -6.66 -15.56 4.70
N LYS A 21 -6.22 -16.47 3.97
CA LYS A 21 -4.96 -17.13 4.15
C LYS A 21 -3.82 -16.33 3.66
N VAL A 22 -2.68 -16.59 4.07
CA VAL A 22 -1.49 -15.91 3.70
C VAL A 22 -0.41 -16.88 3.32
N ALA A 23 -0.12 -17.80 4.17
CA ALA A 23 0.88 -18.79 3.91
C ALA A 23 0.41 -20.12 4.09
N THR A 24 0.82 -21.12 3.56
CA THR A 24 0.42 -22.41 3.66
C THR A 24 1.53 -23.38 3.51
N GLY A 25 2.23 -23.78 4.38
CA GLY A 25 3.27 -24.70 4.31
C GLY A 25 2.94 -26.06 4.75
N ARG A 26 3.92 -26.91 4.76
CA ARG A 26 3.72 -28.26 5.16
C ARG A 26 4.77 -28.70 6.16
N ILE A 27 4.36 -29.52 7.10
CA ILE A 27 5.24 -30.01 8.14
C ILE A 27 5.30 -31.52 8.07
N ILE A 28 6.26 -32.16 8.59
CA ILE A 28 6.43 -33.59 8.54
C ILE A 28 6.71 -34.14 9.91
N CYS A 29 6.70 -35.36 10.15
CA CYS A 29 6.98 -36.00 11.40
C CYS A 29 7.61 -37.34 11.14
N ARG A 30 8.07 -38.02 12.08
CA ARG A 30 8.71 -39.30 11.92
C ARG A 30 7.84 -40.45 12.39
N GLU A 31 7.89 -40.77 13.63
CA GLU A 31 7.11 -41.86 14.17
C GLU A 31 5.82 -41.36 14.79
N ALA A 32 5.20 -42.20 15.56
CA ALA A 32 3.95 -41.87 16.22
C ALA A 32 4.06 -40.64 17.07
N HIS A 33 3.28 -39.68 16.88
CA HIS A 33 3.27 -38.44 17.61
C HIS A 33 1.85 -37.91 17.70
N THR A 34 1.65 -36.96 18.56
CA THR A 34 0.35 -36.37 18.72
C THR A 34 0.39 -34.88 18.56
N GLY A 35 1.51 -34.36 18.10
CA GLY A 35 1.63 -32.95 17.93
C GLY A 35 2.65 -32.51 16.92
N PHE A 36 2.17 -31.85 15.89
CA PHE A 36 3.01 -31.30 14.84
C PHE A 36 3.56 -29.96 15.27
N HIS A 37 4.62 -29.93 15.99
CA HIS A 37 5.25 -28.71 16.50
C HIS A 37 5.52 -27.70 15.39
N VAL A 38 4.77 -26.61 15.39
CA VAL A 38 4.93 -25.55 14.41
C VAL A 38 4.94 -24.20 15.10
N TRP A 39 5.69 -23.25 14.60
CA TRP A 39 5.78 -21.92 15.18
C TRP A 39 5.74 -20.85 14.11
N MET A 40 5.62 -19.62 14.50
CA MET A 40 5.56 -18.51 13.56
C MET A 40 6.71 -17.53 13.79
N ASN A 41 7.01 -17.26 15.06
CA ASN A 41 8.10 -16.35 15.44
C ASN A 41 7.83 -14.94 14.98
N GLU A 42 7.04 -14.22 15.71
CA GLU A 42 6.70 -12.84 15.39
C GLU A 42 6.46 -12.03 16.66
N ARG A 43 5.27 -12.06 17.18
CA ARG A 43 4.91 -11.31 18.38
C ARG A 43 3.68 -11.92 19.01
N GLN A 44 3.85 -13.00 19.70
CA GLN A 44 2.76 -13.69 20.34
C GLN A 44 2.38 -13.02 21.66
N VAL A 45 1.17 -13.20 22.07
CA VAL A 45 0.68 -12.62 23.30
C VAL A 45 0.78 -13.63 24.42
N ASP A 46 1.91 -13.67 25.05
CA ASP A 46 2.18 -14.57 26.16
C ASP A 46 2.02 -16.00 25.75
N GLY A 47 1.23 -16.75 26.33
CA GLY A 47 1.00 -18.13 26.04
C GLY A 47 0.03 -18.38 24.95
N ARG A 48 -0.26 -17.57 24.14
CA ARG A 48 -1.18 -17.71 23.06
C ARG A 48 -0.61 -18.60 22.06
N ALA A 49 -1.11 -19.70 21.90
CA ALA A 49 -0.65 -20.64 21.00
C ALA A 49 -1.41 -20.82 19.79
N GLU A 50 -2.27 -20.76 19.63
CA GLU A 50 -3.05 -20.94 18.50
C GLU A 50 -3.65 -19.67 17.95
N ARG A 51 -3.10 -18.74 17.85
CA ARG A 51 -3.56 -17.49 17.35
C ARG A 51 -2.78 -16.40 17.96
N TYR A 52 -2.27 -15.54 17.33
CA TYR A 52 -1.47 -14.45 17.80
C TYR A 52 -1.36 -13.33 16.83
N VAL A 53 -1.41 -12.23 17.06
CA VAL A 53 -1.30 -11.08 16.22
C VAL A 53 0.14 -10.79 15.89
N VAL A 54 0.53 -11.09 14.68
CA VAL A 54 1.88 -10.89 14.22
C VAL A 54 2.15 -9.45 13.86
N GLN A 55 3.39 -9.14 13.62
CA GLN A 55 3.79 -7.80 13.25
C GLN A 55 4.50 -7.80 11.93
N SER A 56 4.67 -6.73 11.30
CA SER A 56 5.33 -6.60 10.04
C SER A 56 6.83 -6.59 10.23
N LYS A 57 7.57 -6.62 9.14
CA LYS A 57 9.01 -6.61 9.20
C LYS A 57 9.49 -5.34 9.79
N ASP A 58 9.01 -4.26 9.54
CA ASP A 58 9.35 -2.98 10.06
C ASP A 58 8.58 -2.70 11.27
N GLY A 59 7.92 -3.02 11.91
CA GLY A 59 7.16 -2.81 13.08
C GLY A 59 6.30 -1.58 13.00
N ARG A 60 5.25 -1.62 12.39
CA ARG A 60 4.33 -0.50 12.25
C ARG A 60 2.96 -0.99 11.83
N HIS A 61 2.86 -2.23 11.40
CA HIS A 61 1.60 -2.79 10.99
C HIS A 61 1.41 -4.15 11.61
N GLU A 62 0.30 -4.37 12.23
CA GLU A 62 -0.01 -5.63 12.86
C GLU A 62 -0.94 -6.45 11.99
N LEU A 63 -0.73 -7.74 11.98
CA LEU A 63 -1.54 -8.62 11.18
C LEU A 63 -1.94 -9.84 11.95
N ARG A 64 -3.10 -9.93 12.36
CA ARG A 64 -3.59 -11.05 13.11
C ARG A 64 -3.70 -12.27 12.24
N VAL A 65 -3.31 -13.40 12.62
CA VAL A 65 -3.36 -14.61 11.86
C VAL A 65 -3.92 -15.75 12.60
N ARG A 66 -4.83 -16.45 12.12
CA ARG A 66 -5.44 -17.60 12.70
C ARG A 66 -4.78 -18.84 12.24
N THR A 67 -3.63 -19.09 12.64
CA THR A 67 -2.88 -20.23 12.27
C THR A 67 -3.12 -21.35 13.09
N GLY A 68 -3.39 -21.28 14.18
CA GLY A 68 -3.63 -22.27 15.06
C GLY A 68 -4.29 -23.21 14.99
N GLY A 69 -5.14 -23.35 14.31
CA GLY A 69 -5.83 -24.23 14.18
C GLY A 69 -6.82 -25.01 14.23
N ASP A 70 -7.72 -24.69 14.87
CA ASP A 70 -8.75 -25.34 15.02
C ASP A 70 -8.41 -26.49 15.75
N GLY A 71 -7.81 -27.24 15.66
CA GLY A 71 -7.45 -28.34 16.31
C GLY A 71 -6.07 -28.61 16.65
N TRP A 72 -5.34 -27.70 17.02
CA TRP A 72 -4.02 -27.87 17.39
C TRP A 72 -3.89 -27.93 18.87
N SER A 73 -2.84 -28.17 19.44
CA SER A 73 -2.64 -28.26 20.85
C SER A 73 -1.40 -27.49 21.27
N PRO A 74 -1.53 -26.60 22.23
CA PRO A 74 -0.41 -25.81 22.73
C PRO A 74 0.58 -26.61 23.53
N VAL A 75 1.57 -27.14 22.92
CA VAL A 75 2.58 -27.93 23.57
C VAL A 75 3.97 -27.42 23.27
N LYS A 76 4.25 -26.21 23.68
CA LYS A 76 5.55 -25.57 23.49
C LYS A 76 5.82 -25.29 22.04
N GLY A 77 6.85 -24.60 21.80
CA GLY A 77 7.23 -24.27 20.47
C GLY A 77 8.65 -23.82 20.39
N GLU A 78 9.23 -23.68 19.54
CA GLU A 78 10.59 -23.25 19.36
C GLU A 78 10.60 -21.95 18.71
N GLY A 79 11.33 -21.13 19.11
CA GLY A 79 11.39 -19.87 18.56
C GLY A 79 10.48 -18.91 18.93
N GLY A 80 9.30 -18.96 18.71
CA GLY A 80 8.35 -18.09 19.04
C GLY A 80 7.05 -18.73 19.21
N LYS A 81 6.84 -19.46 20.20
CA LYS A 81 5.63 -20.15 20.52
C LYS A 81 5.26 -21.10 19.41
N GLY A 82 4.05 -21.51 19.31
CA GLY A 82 3.60 -22.42 18.31
C GLY A 82 2.74 -23.43 18.77
N VAL A 83 2.19 -24.28 18.12
CA VAL A 83 1.36 -25.27 18.49
C VAL A 83 1.46 -26.55 17.80
N SER A 84 1.07 -27.62 18.18
CA SER A 84 1.14 -28.90 17.60
C SER A 84 -0.18 -29.59 17.41
N ARG A 85 -0.51 -29.95 16.19
CA ARG A 85 -1.73 -30.65 15.86
C ARG A 85 -1.46 -32.12 15.81
N PRO A 86 -2.46 -32.98 15.84
CA PRO A 86 -2.30 -34.43 15.78
C PRO A 86 -1.24 -34.86 14.81
N GLY A 87 -0.13 -35.27 15.34
CA GLY A 87 0.96 -35.67 14.52
C GLY A 87 1.01 -37.12 14.18
N GLN A 88 -0.08 -37.64 13.71
CA GLN A 88 -0.15 -39.03 13.35
C GLN A 88 0.21 -39.18 11.89
N GLU A 89 0.20 -38.24 11.17
CA GLU A 89 0.52 -38.21 9.77
C GLU A 89 2.00 -37.95 9.56
N GLU A 90 2.47 -38.13 8.37
CA GLU A 90 3.86 -37.92 8.04
C GLU A 90 4.08 -36.54 7.50
N GLN A 91 3.11 -35.94 6.93
CA GLN A 91 3.20 -34.61 6.37
C GLN A 91 1.83 -33.97 6.23
N VAL A 92 1.60 -32.90 6.94
CA VAL A 92 0.34 -32.19 6.88
C VAL A 92 0.56 -30.74 6.52
N PHE A 93 -0.47 -30.06 6.17
CA PHE A 93 -0.37 -28.67 5.78
C PHE A 93 -1.02 -27.79 6.77
N PHE A 94 -0.71 -26.76 7.05
CA PHE A 94 -1.25 -25.83 7.96
C PHE A 94 -1.44 -24.48 7.41
N ASP A 95 -2.26 -23.96 7.04
CA ASP A 95 -2.54 -22.68 6.51
C ASP A 95 -2.84 -21.65 7.57
N VAL A 96 -2.34 -20.48 7.40
CA VAL A 96 -2.55 -19.41 8.34
C VAL A 96 -3.58 -18.43 7.86
N MET A 97 -4.71 -18.51 8.32
CA MET A 97 -5.78 -17.63 7.97
C MET A 97 -5.63 -16.32 8.68
N ALA A 98 -5.50 -15.28 8.08
CA ALA A 98 -5.34 -13.97 8.66
C ALA A 98 -6.66 -13.33 8.98
N ASP A 99 -6.82 -12.86 10.18
CA ASP A 99 -8.02 -12.22 10.61
C ASP A 99 -7.87 -10.73 10.56
N GLY A 100 -7.43 -10.25 9.48
CA GLY A 100 -7.23 -8.85 9.31
C GLY A 100 -8.48 -8.03 9.36
N ASN A 101 -9.35 -8.26 8.42
CA ASN A 101 -10.60 -7.56 8.32
C ASN A 101 -10.39 -6.08 8.08
N GLN A 102 -10.23 -5.67 7.15
CA GLN A 102 -10.04 -4.28 6.79
C GLN A 102 -8.94 -4.13 5.78
N ASP A 103 -8.34 -3.27 5.57
CA ASP A 103 -7.27 -3.01 4.63
C ASP A 103 -5.96 -2.86 5.34
N ILE A 104 -4.94 -3.38 4.88
CA ILE A 104 -3.63 -3.29 5.49
C ILE A 104 -2.76 -2.31 4.73
N ALA A 105 -2.02 -1.52 5.45
CA ALA A 105 -1.15 -0.54 4.84
C ALA A 105 0.04 -1.21 4.17
N PRO A 106 0.51 -0.64 3.07
CA PRO A 106 1.65 -1.17 2.31
C PRO A 106 2.87 -1.42 3.15
N GLY A 107 3.41 -2.55 3.11
CA GLY A 107 4.58 -2.91 3.85
C GLY A 107 4.97 -4.32 3.59
N GLU A 108 5.74 -4.91 4.41
CA GLU A 108 6.17 -6.28 4.27
C GLU A 108 5.97 -7.05 5.55
N TYR A 109 5.30 -8.16 5.47
CA TYR A 109 5.05 -8.99 6.61
C TYR A 109 5.82 -10.29 6.47
N ARG A 110 6.86 -10.44 7.19
CA ARG A 110 7.69 -11.63 7.12
C ARG A 110 7.45 -12.55 8.29
N PHE A 111 7.17 -13.79 8.00
CA PHE A 111 6.93 -14.79 9.01
C PHE A 111 7.97 -15.88 8.96
N SER A 112 8.29 -16.46 10.07
CA SER A 112 9.26 -17.51 10.14
C SER A 112 8.63 -18.79 10.61
N VAL A 113 7.55 -19.16 10.05
CA VAL A 113 6.82 -20.34 10.41
C VAL A 113 7.51 -21.62 9.96
N GLY A 114 7.63 -22.55 10.85
CA GLY A 114 8.26 -23.80 10.55
C GLY A 114 8.11 -24.78 11.52
N GLY A 115 8.25 -25.95 11.48
CA GLY A 115 8.12 -26.93 12.38
C GLY A 115 8.78 -28.20 12.19
N ALA A 116 8.98 -29.04 13.00
CA ALA A 116 9.62 -30.29 12.90
C ALA A 116 8.78 -31.45 13.40
N CYS A 117 7.87 -31.17 14.30
CA CYS A 117 6.98 -32.16 14.86
C CYS A 117 7.72 -33.08 15.81
N VAL A 118 8.79 -33.66 15.35
CA VAL A 118 9.58 -34.58 16.12
C VAL A 118 9.97 -34.04 17.48
N VAL A 119 10.11 -34.92 18.41
CA VAL A 119 10.47 -34.58 19.75
C VAL A 119 11.95 -34.67 19.98
N PRO A 120 12.55 -33.73 20.68
CA PRO A 120 13.95 -33.74 20.97
C PRO A 120 14.33 -34.86 21.91
N GLN A 121 15.01 -34.79 22.85
CA GLN A 121 15.40 -35.81 23.80
C GLN A 121 14.38 -35.96 24.91
N GLU A 122 13.36 -36.72 24.66
CA GLU A 122 12.30 -36.96 25.61
C GLU A 122 11.84 -38.40 25.53
N ASP A 123 10.81 -38.74 26.28
CA ASP A 123 10.26 -40.08 26.29
C ASP A 123 9.54 -40.38 24.99
N ASN A 124 10.27 -40.93 24.04
CA ASN A 124 9.74 -41.28 22.73
C ASN A 124 10.82 -41.88 21.86
N LYS A 125 12.06 -41.46 22.14
CA LYS A 125 13.23 -41.93 21.41
C LYS A 125 13.22 -41.41 19.98
N GLN A 126 12.79 -42.24 19.03
CA GLN A 126 12.73 -41.87 17.63
C GLN A 126 14.07 -41.33 17.15
N GLY A 127 14.07 -40.44 16.25
CA GLY A 127 15.27 -39.85 15.74
C GLY A 127 15.53 -38.54 16.44
N PHE A 128 16.49 -38.53 17.30
CA PHE A 128 16.83 -37.36 18.06
C PHE A 128 17.05 -36.13 17.20
N THR A 129 16.12 -35.21 17.28
CA THR A 129 16.20 -33.98 16.54
C THR A 129 15.91 -32.80 17.44
N PRO A 130 16.92 -32.29 18.11
CA PRO A 130 16.78 -31.17 19.03
C PRO A 130 16.75 -29.83 18.34
N SER A 131 16.57 -29.77 17.08
CA SER A 131 16.52 -28.55 16.33
C SER A 131 15.41 -28.55 15.33
N GLY A 132 14.53 -27.63 15.44
CA GLY A 132 13.45 -27.52 14.53
C GLY A 132 13.64 -26.51 13.50
N THR A 133 13.45 -26.65 12.35
CA THR A 133 13.62 -25.76 11.28
C THR A 133 12.69 -24.62 11.24
N THR A 134 13.02 -23.56 10.75
CA THR A 134 12.24 -22.40 10.62
C THR A 134 11.88 -22.13 9.20
N GLY A 135 11.04 -21.37 8.82
CA GLY A 135 10.66 -21.05 7.50
C GLY A 135 10.69 -19.60 7.22
N THR A 136 10.52 -19.16 6.03
CA THR A 136 10.54 -17.78 5.67
C THR A 136 9.48 -17.44 4.65
N THR A 137 8.52 -16.66 5.04
CA THR A 137 7.45 -16.22 4.16
C THR A 137 7.34 -14.72 4.20
N LYS A 138 7.38 -14.09 3.07
CA LYS A 138 7.28 -12.66 3.01
C LYS A 138 6.01 -12.20 2.36
N LEU A 139 5.45 -11.18 2.73
CA LEU A 139 4.22 -10.63 2.20
C LEU A 139 4.45 -9.21 1.78
N THR A 140 5.04 -9.01 0.68
CA THR A 140 5.32 -7.69 0.17
C THR A 140 4.21 -7.17 -0.62
N VAL A 141 3.78 -6.11 -0.45
CA VAL A 141 2.73 -5.50 -1.14
C VAL A 141 3.15 -4.86 -2.34
N THR A 142 3.09 -4.89 -3.04
CA THR A 142 3.46 -4.32 -4.19
C THR A 142 3.33 -3.79 -4.85
N GLU B 1 3.40 -2.11 -6.29
CA GLU B 1 3.22 -1.29 -6.70
C GLU B 1 2.95 -0.66 -7.41
N GLU B 2 2.24 -0.29 -7.66
CA GLU B 2 1.92 0.33 -8.32
C GLU B 2 1.56 1.76 -8.10
N CYS B 3 1.37 2.49 -8.79
CA CYS B 3 1.04 3.87 -8.65
C CYS B 3 -0.30 4.14 -9.31
N GLN B 4 -1.29 4.34 -8.54
CA GLN B 4 -2.62 4.63 -9.04
C GLN B 4 -3.12 5.93 -8.47
N VAL B 5 -2.94 6.96 -9.04
CA VAL B 5 -3.36 8.27 -8.60
C VAL B 5 -4.85 8.50 -8.84
N ARG B 6 -5.61 8.58 -7.77
CA ARG B 6 -7.03 8.80 -7.85
C ARG B 6 -7.33 10.29 -7.77
N VAL B 7 -8.27 10.77 -8.49
CA VAL B 7 -8.65 12.17 -8.50
C VAL B 7 -10.13 12.32 -8.69
N GLY B 8 -10.72 13.39 -8.23
CA GLY B 8 -12.12 13.61 -8.35
C GLY B 8 -12.48 15.02 -8.75
N ASP B 9 -13.44 15.19 -9.51
CA ASP B 9 -13.92 16.48 -9.98
C ASP B 9 -14.35 17.38 -8.87
N LEU B 10 -14.07 18.65 -8.99
CA LEU B 10 -14.41 19.61 -7.99
C LEU B 10 -14.80 20.94 -8.62
N THR B 11 -15.50 21.75 -7.86
CA THR B 11 -15.93 23.05 -8.34
C THR B 11 -15.67 24.12 -7.29
N VAL B 12 -14.95 25.14 -7.65
CA VAL B 12 -14.65 26.23 -6.75
C VAL B 12 -15.39 27.44 -7.16
N ALA B 13 -15.56 28.43 -6.40
CA ALA B 13 -16.28 29.61 -6.70
C ALA B 13 -15.52 30.86 -6.44
N LYS B 14 -14.53 31.20 -7.04
CA LYS B 14 -13.77 32.39 -6.89
C LYS B 14 -13.41 33.00 -8.20
N THR B 15 -13.53 34.13 -8.45
CA THR B 15 -13.24 34.79 -9.69
C THR B 15 -11.79 35.11 -9.86
N ARG B 16 -11.39 35.25 -11.10
CA ARG B 16 -10.03 35.55 -11.44
C ARG B 16 -9.69 36.92 -10.94
N GLY B 17 -10.58 37.82 -11.00
CA GLY B 17 -10.42 39.16 -10.53
C GLY B 17 -9.82 39.33 -9.21
N GLN B 18 -9.77 38.34 -8.43
CA GLN B 18 -9.19 38.40 -7.16
C GLN B 18 -7.77 38.01 -7.22
N LEU B 19 -7.42 36.98 -7.61
CA LEU B 19 -6.09 36.46 -7.77
C LEU B 19 -5.15 37.41 -8.42
N THR B 20 -4.35 38.07 -7.66
CA THR B 20 -3.40 39.00 -8.16
C THR B 20 -2.05 38.35 -8.33
N ASP B 21 -1.65 37.60 -7.38
CA ASP B 21 -0.37 36.92 -7.42
C ASP B 21 -0.50 35.54 -6.85
N ALA B 22 -0.07 34.55 -7.43
CA ALA B 22 -0.10 33.16 -7.03
C ALA B 22 -0.86 32.89 -5.75
N ALA B 23 -2.12 32.63 -5.88
CA ALA B 23 -2.97 32.35 -4.74
C ALA B 23 -3.78 31.09 -5.00
N PRO B 24 -3.90 30.21 -4.01
CA PRO B 24 -4.65 28.96 -4.14
C PRO B 24 -6.15 29.15 -4.18
N ILE B 25 -6.77 28.75 -5.27
CA ILE B 25 -8.20 28.86 -5.44
C ILE B 25 -8.80 27.61 -6.02
N GLY B 26 -8.50 26.50 -5.62
CA GLY B 26 -9.05 25.27 -6.13
C GLY B 26 -8.25 24.06 -5.71
N PRO B 27 -8.56 23.48 -4.56
CA PRO B 27 -7.88 22.30 -4.06
C PRO B 27 -8.36 21.01 -4.70
N VAL B 28 -7.62 20.54 -5.70
CA VAL B 28 -7.97 19.31 -6.39
C VAL B 28 -7.64 18.11 -5.53
N THR B 29 -8.63 17.28 -5.28
CA THR B 29 -8.43 16.10 -4.46
C THR B 29 -7.68 15.02 -5.24
N VAL B 30 -6.44 14.82 -4.88
CA VAL B 30 -5.60 13.83 -5.52
C VAL B 30 -5.08 12.86 -4.48
N GLN B 31 -5.29 11.60 -4.70
CA GLN B 31 -4.84 10.59 -3.77
C GLN B 31 -4.07 9.48 -4.45
N ALA B 32 -2.83 9.38 -4.23
CA ALA B 32 -1.99 8.37 -4.80
C ALA B 32 -2.01 7.11 -4.00
N LEU B 33 -1.92 5.99 -4.58
CA LEU B 33 -1.93 4.71 -3.92
C LEU B 33 -0.84 3.81 -4.42
N GLY B 34 -0.03 3.33 -3.53
CA GLY B 34 1.03 2.43 -3.90
C GLY B 34 2.26 3.12 -4.40
N CYS B 35 2.23 4.38 -4.58
CA CYS B 35 3.35 5.16 -5.06
C CYS B 35 4.32 5.47 -3.95
N ASN B 36 4.98 4.53 -3.42
CA ASN B 36 5.92 4.68 -2.34
C ASN B 36 7.30 5.05 -2.85
N ALA B 37 7.57 4.73 -4.09
CA ALA B 37 8.86 5.02 -4.68
C ALA B 37 8.67 5.68 -6.04
N ARG B 38 7.57 6.34 -6.24
CA ARG B 38 7.28 7.00 -7.49
C ARG B 38 6.92 8.46 -7.27
N GLN B 39 7.33 9.29 -8.21
CA GLN B 39 7.06 10.72 -8.13
C GLN B 39 5.73 11.04 -8.77
N VAL B 40 4.70 11.19 -7.95
CA VAL B 40 3.35 11.52 -8.43
C VAL B 40 3.39 12.81 -9.24
N ALA B 41 2.82 12.79 -10.42
CA ALA B 41 2.82 13.93 -11.28
C ALA B 41 1.47 14.19 -11.93
N LEU B 42 1.06 15.40 -11.94
CA LEU B 42 -0.20 15.79 -12.56
C LEU B 42 0.09 16.72 -13.70
N LYS B 43 -0.67 16.62 -14.76
CA LYS B 43 -0.48 17.46 -15.93
C LYS B 43 -1.76 17.65 -16.69
N ALA B 44 -2.13 18.86 -16.92
CA ALA B 44 -3.32 19.19 -17.66
C ALA B 44 -3.29 18.62 -19.04
N ASP B 45 -4.39 18.30 -19.58
CA ASP B 45 -4.50 17.74 -20.90
C ASP B 45 -4.03 18.69 -21.97
N THR B 46 -3.75 18.19 -23.14
CA THR B 46 -3.25 18.97 -24.25
C THR B 46 -4.13 20.16 -24.60
N ASP B 47 -5.39 20.09 -24.26
CA ASP B 47 -6.29 21.18 -24.55
C ASP B 47 -6.07 22.33 -23.61
N ASN B 48 -5.65 22.11 -22.46
CA ASN B 48 -5.39 23.12 -21.48
C ASN B 48 -3.92 23.28 -21.21
N PHE B 49 -3.10 22.51 -21.73
CA PHE B 49 -1.67 22.56 -21.58
C PHE B 49 -1.00 22.91 -22.86
N GLU B 50 -0.35 24.02 -22.88
CA GLU B 50 0.33 24.47 -24.05
C GLU B 50 1.75 24.88 -23.78
N GLN B 51 2.68 24.18 -24.38
CA GLN B 51 4.10 24.45 -24.25
C GLN B 51 4.54 24.42 -22.82
N GLY B 52 4.11 23.95 -21.95
CA GLY B 52 4.46 23.88 -20.57
C GLY B 52 3.79 24.91 -19.76
N LYS B 53 2.50 25.06 -19.87
CA LYS B 53 1.72 26.01 -19.16
C LYS B 53 0.36 25.51 -18.90
N PHE B 54 -0.23 25.55 -17.88
CA PHE B 54 -1.54 25.11 -17.53
C PHE B 54 -2.50 26.28 -17.57
N PHE B 55 -3.56 26.17 -18.27
CA PHE B 55 -4.53 27.23 -18.35
C PHE B 55 -5.93 26.67 -18.33
N LEU B 56 -6.84 27.43 -17.78
CA LEU B 56 -8.23 27.01 -17.71
C LEU B 56 -8.98 27.55 -18.91
N ILE B 57 -9.75 26.71 -19.53
CA ILE B 57 -10.52 27.12 -20.68
C ILE B 57 -11.93 27.37 -20.32
N SER B 58 -12.56 28.30 -20.97
CA SER B 58 -13.91 28.64 -20.72
C SER B 58 -14.80 27.56 -21.14
N ASP B 59 -15.96 27.52 -20.69
CA ASP B 59 -16.90 26.55 -21.00
C ASP B 59 -17.40 26.64 -22.40
N ASN B 60 -17.34 27.78 -22.97
CA ASN B 60 -17.78 28.01 -24.30
C ASN B 60 -16.60 28.45 -25.14
N ASN B 61 -15.42 28.33 -24.59
CA ASN B 61 -14.17 28.71 -25.25
C ASN B 61 -14.13 30.18 -25.56
N ARG B 62 -13.45 30.91 -24.75
CA ARG B 62 -13.32 32.32 -24.95
C ARG B 62 -11.97 32.83 -24.47
N ASP B 63 -11.74 32.83 -23.23
CA ASP B 63 -10.50 33.31 -22.65
C ASP B 63 -9.80 32.22 -21.87
N LYS B 64 -8.53 32.37 -21.64
CA LYS B 64 -7.75 31.39 -20.91
C LYS B 64 -6.91 32.05 -19.84
N LEU B 65 -6.69 31.38 -18.75
CA LEU B 65 -5.90 31.89 -17.66
C LEU B 65 -4.82 30.91 -17.28
N TYR B 66 -3.61 31.28 -17.32
CA TYR B 66 -2.50 30.43 -16.98
C TYR B 66 -2.38 30.30 -15.47
N VAL B 67 -2.42 29.08 -14.99
CA VAL B 67 -2.35 28.82 -13.57
C VAL B 67 -1.40 27.68 -13.25
N ASN B 68 -0.82 27.62 -12.20
CA ASN B 68 0.08 26.57 -11.75
C ASN B 68 -0.49 25.91 -10.52
N ILE B 69 -0.23 24.67 -10.32
CA ILE B 69 -0.75 23.94 -9.19
C ILE B 69 0.27 23.88 -8.06
N ARG B 70 -0.20 23.71 -6.85
CA ARG B 70 0.65 23.64 -5.67
C ARG B 70 0.02 22.73 -4.64
N PRO B 71 0.80 21.98 -3.86
CA PRO B 71 0.28 21.08 -2.85
C PRO B 71 -0.28 21.77 -1.63
N MET B 72 -0.41 23.08 -1.71
CA MET B 72 -0.93 23.89 -0.64
C MET B 72 -0.02 23.87 0.57
N ASP B 73 -0.15 22.88 1.40
CA ASP B 73 0.66 22.75 2.59
C ASP B 73 0.83 21.29 2.96
N ASN B 74 1.12 20.48 2.05
CA ASN B 74 1.29 19.06 2.28
C ASN B 74 2.73 18.69 2.29
N SER B 75 3.46 18.56 1.51
CA SER B 75 4.85 18.19 1.44
C SER B 75 5.57 18.95 0.34
N ALA B 76 6.85 18.72 0.21
CA ALA B 76 7.66 19.39 -0.79
C ALA B 76 7.42 18.79 -2.16
N TRP B 77 7.07 19.63 -3.10
CA TRP B 77 6.82 19.22 -4.46
C TRP B 77 7.64 20.05 -5.43
N THR B 78 7.89 19.60 -6.56
CA THR B 78 8.63 20.31 -7.58
C THR B 78 7.67 21.11 -8.43
N THR B 79 7.68 22.39 -8.26
CA THR B 79 6.78 23.25 -8.97
C THR B 79 7.11 23.40 -10.42
N ASP B 80 6.15 23.71 -11.22
CA ASP B 80 6.26 23.90 -12.64
C ASP B 80 4.91 24.22 -13.21
N ASN B 81 4.76 24.99 -14.13
CA ASN B 81 3.51 25.37 -14.74
C ASN B 81 3.15 24.43 -15.87
N GLY B 82 3.99 23.57 -16.22
CA GLY B 82 3.72 22.64 -17.28
C GLY B 82 3.76 21.22 -16.83
N VAL B 83 4.37 20.96 -15.75
CA VAL B 83 4.47 19.64 -15.23
C VAL B 83 4.54 19.67 -13.72
N PHE B 84 3.85 19.14 -13.02
CA PHE B 84 3.82 19.13 -11.58
C PHE B 84 4.12 17.74 -11.06
N TYR B 85 5.09 17.60 -10.23
CA TYR B 85 5.48 16.32 -9.65
C TYR B 85 6.20 16.52 -8.34
N LYS B 86 6.25 15.50 -7.52
CA LYS B 86 6.92 15.59 -6.24
C LYS B 86 8.30 15.01 -6.32
N ASN B 87 9.27 15.71 -5.87
CA ASN B 87 10.65 15.26 -5.89
C ASN B 87 10.88 14.17 -4.89
N ASP B 88 10.26 14.17 -3.81
CA ASP B 88 10.38 13.19 -2.78
C ASP B 88 9.42 12.06 -3.02
N VAL B 89 9.91 10.90 -3.22
CA VAL B 89 9.09 9.74 -3.48
C VAL B 89 8.51 9.18 -2.25
N GLY B 90 7.31 8.80 -2.22
CA GLY B 90 6.68 8.25 -1.10
C GLY B 90 5.21 8.43 -1.17
N SER B 91 4.46 7.95 -0.34
CA SER B 91 3.02 8.05 -0.31
C SER B 91 2.56 9.48 -0.18
N TRP B 92 1.50 9.84 -0.77
CA TRP B 92 0.99 11.19 -0.75
C TRP B 92 -0.45 11.20 -1.05
N GLY B 93 -1.23 12.03 -0.91
CA GLY B 93 -2.62 12.13 -1.17
C GLY B 93 -3.25 13.31 -0.52
N GLY B 94 -3.09 14.43 -0.98
CA GLY B 94 -3.64 15.62 -0.42
C GLY B 94 -4.12 16.59 -1.45
N THR B 95 -4.96 17.34 -1.32
CA THR B 95 -5.52 18.33 -2.22
C THR B 95 -4.49 19.34 -2.72
N ILE B 96 -4.40 19.48 -4.02
CA ILE B 96 -3.49 20.43 -4.63
C ILE B 96 -4.23 21.67 -5.10
N GLY B 97 -3.91 22.79 -4.57
CA GLY B 97 -4.55 24.04 -4.93
C GLY B 97 -4.15 24.53 -6.29
N ILE B 98 -4.67 25.52 -6.75
CA ILE B 98 -4.40 26.12 -8.04
C ILE B 98 -4.03 27.58 -7.84
N TYR B 99 -2.88 27.97 -8.33
CA TYR B 99 -2.42 29.33 -8.19
C TYR B 99 -2.61 30.08 -9.48
N VAL B 100 -2.11 31.15 -9.72
CA VAL B 100 -2.24 31.94 -10.93
C VAL B 100 -0.86 32.37 -11.43
N ASP B 101 -0.68 32.45 -12.72
CA ASP B 101 0.60 32.83 -13.29
C ASP B 101 0.59 34.27 -13.76
N GLY B 102 0.87 35.17 -12.84
CA GLY B 102 0.92 36.58 -13.14
C GLY B 102 -0.41 37.18 -13.52
N GLN B 103 -1.48 36.69 -12.97
CA GLN B 103 -2.85 37.16 -13.22
C GLN B 103 -3.17 37.25 -14.70
N GLN B 104 -4.27 37.87 -15.07
CA GLN B 104 -4.66 38.01 -16.45
C GLN B 104 -5.72 39.06 -16.63
N THR B 105 -5.95 39.85 -15.73
CA THR B 105 -6.95 40.91 -15.76
C THR B 105 -8.33 40.41 -15.52
N ASN B 106 -8.76 39.55 -15.97
CA ASN B 106 -10.03 38.95 -15.82
C ASN B 106 -11.15 39.55 -16.54
N THR B 107 -11.41 39.11 -17.66
CA THR B 107 -12.50 39.56 -18.43
C THR B 107 -13.73 38.78 -18.03
N PRO B 108 -14.87 39.40 -17.83
CA PRO B 108 -16.12 38.80 -17.40
C PRO B 108 -16.44 37.45 -17.96
N PRO B 109 -16.10 36.41 -17.25
CA PRO B 109 -16.32 35.07 -17.63
C PRO B 109 -17.46 34.40 -16.91
N GLY B 110 -17.79 33.27 -17.09
CA GLY B 110 -18.83 32.55 -16.44
C GLY B 110 -18.36 31.27 -15.83
N ASN B 111 -17.74 30.43 -16.50
CA ASN B 111 -17.26 29.16 -16.01
C ASN B 111 -16.00 28.74 -16.66
N TYR B 112 -15.15 28.07 -16.12
CA TYR B 112 -13.92 27.58 -16.64
C TYR B 112 -13.70 26.13 -16.27
N THR B 113 -13.22 25.34 -17.09
CA THR B 113 -12.96 23.94 -16.85
C THR B 113 -11.57 23.55 -17.28
N LEU B 114 -10.89 22.74 -16.49
CA LEU B 114 -9.55 22.28 -16.80
C LEU B 114 -9.42 20.80 -16.45
N THR B 115 -8.88 20.03 -17.36
CA THR B 115 -8.69 18.61 -17.15
C THR B 115 -7.26 18.31 -16.72
N LEU B 116 -7.10 17.67 -15.59
CA LEU B 116 -5.79 17.34 -15.07
C LEU B 116 -5.54 15.84 -15.08
N THR B 117 -4.53 15.41 -15.82
CA THR B 117 -4.18 14.01 -15.89
C THR B 117 -3.31 13.63 -14.70
N GLY B 118 -3.28 12.40 -14.32
CA GLY B 118 -2.50 11.96 -13.20
C GLY B 118 -1.54 10.87 -13.55
N GLY B 119 -0.56 10.64 -12.83
CA GLY B 119 0.43 9.62 -13.06
C GLY B 119 1.72 9.92 -12.33
N TYR B 120 2.84 9.56 -12.91
CA TYR B 120 4.13 9.83 -12.30
C TYR B 120 5.06 10.52 -13.28
N TRP B 121 6.18 11.00 -12.78
CA TRP B 121 7.15 11.71 -13.60
C TRP B 121 8.55 11.16 -13.38
N ALA B 122 9.35 11.14 -14.33
CA ALA B 122 10.71 10.68 -14.26
C ALA B 122 11.64 11.70 -14.89
N LYS B 123 12.82 11.87 -14.31
CA LYS B 123 13.82 12.81 -14.79
C LYS B 123 13.32 14.24 -14.67
N ASP B 124 13.69 15.11 -15.60
CA ASP B 124 13.25 16.49 -15.58
C ASP B 124 13.32 17.10 -16.97
N ASN B 125 12.36 17.97 -17.25
CA ASN B 125 12.26 18.68 -18.53
C ASN B 125 12.22 17.78 -19.73
N LYS B 126 12.12 16.57 -19.68
CA LYS B 126 12.09 15.64 -20.79
C LYS B 126 10.69 15.11 -21.04
N GLN B 127 9.72 15.69 -20.38
CA GLN B 127 8.33 15.29 -20.50
C GLN B 127 8.16 13.81 -20.16
N GLY B 128 8.83 13.39 -19.11
CA GLY B 128 8.76 12.01 -18.70
C GLY B 128 7.58 11.72 -17.83
N PHE B 129 6.42 11.77 -18.38
CA PHE B 129 5.20 11.51 -17.64
C PHE B 129 4.66 10.18 -17.98
N THR B 130 3.79 9.62 -17.29
CA THR B 130 3.19 8.35 -17.49
C THR B 130 1.81 8.31 -16.85
N PRO B 131 0.78 8.02 -17.61
CA PRO B 131 -0.59 7.94 -17.09
C PRO B 131 -0.77 6.84 -16.10
N SER B 132 -0.76 7.08 -14.90
CA SER B 132 -0.93 6.11 -13.85
C SER B 132 -1.92 6.62 -12.81
N GLY B 133 -3.11 6.70 -13.18
CA GLY B 133 -4.13 7.17 -12.28
C GLY B 133 -5.42 7.49 -12.98
N THR B 134 -5.93 8.63 -12.82
CA THR B 134 -7.17 9.05 -13.43
C THR B 134 -7.12 10.50 -13.83
N THR B 135 -7.85 10.88 -14.81
CA THR B 135 -7.90 12.24 -15.27
C THR B 135 -9.03 12.98 -14.55
N GLY B 136 -8.70 14.04 -13.85
CA GLY B 136 -9.69 14.79 -13.13
C GLY B 136 -10.16 16.00 -13.86
N THR B 137 -11.25 16.52 -13.57
CA THR B 137 -11.81 17.69 -14.20
C THR B 137 -12.10 18.77 -13.18
N THR B 138 -11.34 19.76 -13.13
CA THR B 138 -11.50 20.85 -12.20
C THR B 138 -12.32 21.96 -12.83
N LYS B 139 -13.30 22.45 -12.11
CA LYS B 139 -14.14 23.50 -12.62
C LYS B 139 -14.04 24.74 -11.73
N LEU B 140 -13.83 25.86 -12.35
CA LEU B 140 -13.72 27.11 -11.64
C LEU B 140 -14.87 28.01 -11.97
N THR B 141 -15.55 28.54 -11.10
CA THR B 141 -16.66 29.41 -11.31
C THR B 141 -16.23 30.82 -11.18
N VAL B 142 -16.57 31.66 -12.02
CA VAL B 142 -16.19 33.02 -12.00
C VAL B 142 -17.37 33.94 -12.09
N THR B 143 -17.65 34.61 -11.03
CA THR B 143 -18.75 35.54 -10.95
C THR B 143 -20.04 34.91 -11.25
#